data_6J7J
#
_entry.id   6J7J
#
_cell.length_a   45.217
_cell.length_b   93.183
_cell.length_c   119.886
_cell.angle_alpha   90.000
_cell.angle_beta   90.000
_cell.angle_gamma   90.000
#
_symmetry.space_group_name_H-M   'P 21 21 21'
#
loop_
_entity.id
_entity.type
_entity.pdbx_description
1 polymer 'Pseudomonas aeruginosa Earp'
2 non-polymer '2-(N-MORPHOLINO)-ETHANESULFONIC ACID'
3 water water
#
_entity_poly.entity_id   1
_entity_poly.type   'polypeptide(L)'
_entity_poly.pdbx_seq_one_letter_code
;GSSHHHHHHSSGENLYFQH(MSE)ASWDIFCSVVDNYGDIGVTWRLARQLAAEHGQAVRLWVDEPQAFARICPRADPVAH
VQCLDGVEVRAWGRPWAPVAAADVVIEAFACELPEAHRQA(MSE)RERKRPSLWLNLEYLSAEEWIGSCHALPSLQACGL
SKYFFFPGFREPSGGLLREAGLLERRRRFQASVSAQDEFLASLGVRRKVGERLISLFAYENPALPGWLEQLRDARQPSLL
LVPEGRVLADVADWLRVATLAVGDVHVRDALRVQVLPF(MSE)AQDDYDRLLWCCDLNAVRGEDSFVRAQWAGRPLLWHI
YRQEEETHLAKLEAFLELYCAGLPADLAENLRTFWLAWNAGGGLAGAWEGLERQLPEWRREAQRWADEQG(MSE)RPDLA
ARLVQFYADWLLEHHHHHH
;
_entity_poly.pdbx_strand_id   A
#
loop_
_chem_comp.id
_chem_comp.type
_chem_comp.name
_chem_comp.formula
MES non-polymer '2-(N-MORPHOLINO)-ETHANESULFONIC ACID' 'C6 H13 N O4 S'
#
# COMPACT_ATOMS: atom_id res chain seq x y z
N PHE A 17 -27.64 -2.29 21.73
CA PHE A 17 -26.27 -2.29 22.23
C PHE A 17 -25.34 -3.06 21.30
N GLN A 18 -24.11 -2.58 21.17
CA GLN A 18 -23.11 -3.28 20.38
C GLN A 18 -21.75 -3.01 21.00
N HIS A 19 -20.83 -3.96 20.81
CA HIS A 19 -19.49 -3.78 21.34
C HIS A 19 -18.72 -2.78 20.49
N MSE A 20 -18.06 -1.84 21.17
CA MSE A 20 -17.20 -0.89 20.49
C MSE A 20 -16.02 -0.61 21.39
O MSE A 20 -16.19 -0.37 22.58
CB MSE A 20 -17.96 0.39 20.16
CG MSE A 20 -17.14 1.46 19.47
SE MSE A 20 -18.16 3.13 19.26
CE MSE A 20 -19.63 2.46 18.15
N ALA A 21 -14.82 -0.64 20.84
CA ALA A 21 -13.64 -0.25 21.57
C ALA A 21 -13.05 0.99 20.91
N SER A 22 -12.15 1.66 21.62
CA SER A 22 -11.49 2.86 21.13
C SER A 22 -10.06 2.54 20.74
N TRP A 23 -9.59 3.17 19.66
CA TRP A 23 -8.27 2.91 19.09
C TRP A 23 -7.57 4.25 18.89
N ASP A 24 -6.34 4.36 19.40
CA ASP A 24 -5.43 5.47 19.11
C ASP A 24 -4.40 4.94 18.13
N ILE A 25 -4.25 5.61 16.98
CA ILE A 25 -3.25 5.21 16.01
C ILE A 25 -2.29 6.37 15.81
N PHE A 26 -1.02 6.16 16.12
CA PHE A 26 0.00 7.19 16.01
C PHE A 26 0.85 6.93 14.77
N CYS A 27 1.01 7.96 13.94
CA CYS A 27 1.89 7.79 12.78
C CYS A 27 2.76 9.03 12.62
N SER A 28 4.06 8.80 12.43
CA SER A 28 5.04 9.87 12.29
C SER A 28 5.61 9.83 10.88
N VAL A 29 5.44 10.92 10.14
CA VAL A 29 5.91 11.02 8.76
C VAL A 29 6.88 12.20 8.63
N GLY A 34 6.27 5.75 8.02
CA GLY A 34 6.52 4.64 7.12
C GLY A 34 5.71 4.70 5.84
N ASP A 35 4.39 4.70 6.00
CA ASP A 35 3.46 4.94 4.90
C ASP A 35 2.15 5.38 5.54
N ILE A 36 1.90 6.69 5.53
CA ILE A 36 0.62 7.20 6.02
C ILE A 36 -0.53 6.55 5.27
N GLY A 37 -0.29 6.10 4.03
CA GLY A 37 -1.35 5.40 3.30
C GLY A 37 -1.84 4.17 4.03
N VAL A 38 -0.91 3.38 4.58
CA VAL A 38 -1.27 2.16 5.29
C VAL A 38 -2.07 2.50 6.55
N THR A 39 -1.59 3.47 7.32
CA THR A 39 -2.25 3.77 8.58
CA THR A 39 -2.24 3.82 8.58
C THR A 39 -3.63 4.38 8.34
N TRP A 40 -3.78 5.22 7.32
CA TRP A 40 -5.09 5.77 7.01
C TRP A 40 -6.05 4.68 6.56
N ARG A 41 -5.58 3.78 5.69
CA ARG A 41 -6.42 2.66 5.25
C ARG A 41 -6.90 1.82 6.43
N LEU A 42 -5.99 1.53 7.35
CA LEU A 42 -6.35 0.76 8.54
C LEU A 42 -7.35 1.50 9.40
N ALA A 43 -7.10 2.80 9.63
CA ALA A 43 -8.02 3.58 10.46
C ALA A 43 -9.43 3.57 9.86
N ARG A 44 -9.52 3.79 8.55
CA ARG A 44 -10.83 3.82 7.90
C ARG A 44 -11.54 2.48 8.03
N GLN A 45 -10.81 1.38 7.90
CA GLN A 45 -11.44 0.06 7.94
C GLN A 45 -11.90 -0.29 9.35
N LEU A 46 -11.13 0.09 10.38
CA LEU A 46 -11.57 -0.15 11.75
C LEU A 46 -12.88 0.58 12.04
N ALA A 47 -13.00 1.80 11.53
CA ALA A 47 -14.21 2.59 11.77
C ALA A 47 -15.37 2.07 10.93
N ALA A 48 -15.15 1.86 9.62
CA ALA A 48 -16.25 1.56 8.71
C ALA A 48 -16.72 0.11 8.83
N GLU A 49 -15.78 -0.84 8.86
CA GLU A 49 -16.17 -2.25 8.83
C GLU A 49 -16.38 -2.85 10.22
N HIS A 50 -15.70 -2.33 11.23
CA HIS A 50 -15.80 -2.90 12.58
C HIS A 50 -16.46 -1.97 13.58
N GLY A 51 -16.87 -0.76 13.16
CA GLY A 51 -17.62 0.11 14.03
C GLY A 51 -16.84 0.58 15.24
N GLN A 52 -15.52 0.63 15.15
CA GLN A 52 -14.68 1.05 16.26
C GLN A 52 -14.55 2.56 16.29
N ALA A 53 -14.23 3.10 17.46
CA ALA A 53 -13.93 4.52 17.62
C ALA A 53 -12.44 4.70 17.40
N VAL A 54 -12.07 5.47 16.39
CA VAL A 54 -10.67 5.54 15.98
C VAL A 54 -10.21 6.99 16.03
N ARG A 55 -9.08 7.24 16.68
CA ARG A 55 -8.38 8.51 16.60
CA ARG A 55 -8.38 8.51 16.60
C ARG A 55 -7.05 8.29 15.90
N LEU A 56 -6.78 9.08 14.87
CA LEU A 56 -5.55 8.99 14.10
C LEU A 56 -4.73 10.23 14.37
N TRP A 57 -3.53 10.05 14.92
CA TRP A 57 -2.66 11.14 15.32
C TRP A 57 -1.55 11.28 14.28
N VAL A 58 -1.50 12.43 13.61
CA VAL A 58 -0.55 12.66 12.52
C VAL A 58 0.37 13.81 12.90
N ASP A 59 1.68 13.57 12.85
CA ASP A 59 2.61 14.61 13.26
C ASP A 59 2.92 15.60 12.15
N GLU A 60 2.56 15.29 10.91
CA GLU A 60 2.79 16.17 9.76
C GLU A 60 1.50 16.29 8.96
N PRO A 61 0.73 17.36 9.16
CA PRO A 61 -0.53 17.50 8.42
C PRO A 61 -0.34 17.55 6.91
N GLN A 62 0.80 18.07 6.43
CA GLN A 62 1.04 18.10 5.00
C GLN A 62 1.17 16.70 4.42
N ALA A 63 1.80 15.78 5.16
CA ALA A 63 1.86 14.39 4.71
C ALA A 63 0.47 13.81 4.57
N PHE A 64 -0.42 14.11 5.52
CA PHE A 64 -1.77 13.57 5.47
C PHE A 64 -2.59 14.20 4.35
N ALA A 65 -2.36 15.49 4.07
CA ALA A 65 -3.05 16.14 2.97
C ALA A 65 -2.66 15.51 1.64
N ARG A 66 -1.43 14.99 1.53
CA ARG A 66 -1.03 14.27 0.33
C ARG A 66 -1.97 13.10 0.06
N ILE A 67 -2.33 12.36 1.11
CA ILE A 67 -3.12 11.13 0.94
C ILE A 67 -4.61 11.37 1.10
N CYS A 68 -5.03 12.52 1.60
CA CYS A 68 -6.44 12.81 1.84
C CYS A 68 -6.72 14.26 1.49
N PRO A 69 -7.23 14.53 0.29
CA PRO A 69 -7.34 15.92 -0.17
C PRO A 69 -8.38 16.74 0.57
N ARG A 70 -9.48 16.13 1.01
CA ARG A 70 -10.56 16.88 1.62
C ARG A 70 -10.23 17.37 3.04
N ALA A 71 -9.06 17.02 3.56
CA ALA A 71 -8.72 17.35 4.94
C ALA A 71 -8.44 18.83 5.11
N ASP A 72 -8.52 19.29 6.37
CA ASP A 72 -8.16 20.64 6.75
C ASP A 72 -6.76 20.61 7.32
N PRO A 73 -5.77 21.25 6.67
CA PRO A 73 -4.38 21.17 7.17
C PRO A 73 -4.13 21.94 8.46
N VAL A 74 -5.06 22.78 8.89
CA VAL A 74 -4.87 23.55 10.12
C VAL A 74 -5.76 23.07 11.27
N ALA A 75 -6.80 22.29 10.99
CA ALA A 75 -7.71 21.86 12.05
C ALA A 75 -7.01 20.90 13.00
N HIS A 76 -7.16 21.14 14.30
CA HIS A 76 -6.57 20.24 15.28
C HIS A 76 -7.36 18.95 15.43
N VAL A 77 -8.67 18.99 15.18
CA VAL A 77 -9.53 17.81 15.25
C VAL A 77 -10.51 17.87 14.08
N GLN A 78 -10.67 16.78 13.35
CA GLN A 78 -11.64 16.72 12.28
C GLN A 78 -12.06 15.28 12.03
N CYS A 79 -13.28 15.10 11.57
CA CYS A 79 -13.85 13.78 11.32
C CYS A 79 -13.90 13.55 9.82
N LEU A 80 -13.17 12.54 9.34
CA LEU A 80 -13.15 12.17 7.93
C LEU A 80 -13.36 10.66 7.85
N ASP A 81 -14.36 10.24 7.09
CA ASP A 81 -14.63 8.81 6.88
C ASP A 81 -14.76 8.07 8.21
N GLY A 82 -15.41 8.71 9.18
CA GLY A 82 -15.64 8.08 10.47
C GLY A 82 -14.45 8.00 11.38
N VAL A 83 -13.32 8.58 10.99
CA VAL A 83 -12.10 8.59 11.80
C VAL A 83 -11.92 10.00 12.35
N GLU A 84 -11.59 10.10 13.64
CA GLU A 84 -11.27 11.39 14.24
C GLU A 84 -9.77 11.64 14.01
N VAL A 85 -9.46 12.55 13.09
CA VAL A 85 -8.07 12.84 12.72
C VAL A 85 -7.61 14.04 13.53
N ARG A 86 -6.54 13.86 14.28
CA ARG A 86 -6.10 14.88 15.23
C ARG A 86 -4.64 15.21 15.00
N ALA A 87 -4.31 16.49 15.16
CA ALA A 87 -2.93 16.93 15.04
C ALA A 87 -2.12 16.46 16.25
N TRP A 88 -0.95 15.88 15.97
CA TRP A 88 0.00 15.44 17.00
C TRP A 88 0.81 16.66 17.41
N GLY A 89 0.38 17.33 18.48
CA GLY A 89 0.93 18.63 18.81
C GLY A 89 2.33 18.56 19.38
N ARG A 90 3.06 19.67 19.21
CA ARG A 90 4.32 19.91 19.90
C ARG A 90 4.19 21.26 20.59
N PRO A 91 4.03 21.30 21.92
CA PRO A 91 4.03 20.15 22.82
C PRO A 91 2.74 19.33 22.74
N TRP A 92 2.80 18.12 23.29
CA TRP A 92 1.66 17.22 23.30
C TRP A 92 0.59 17.71 24.27
N ALA A 93 -0.64 17.80 23.78
CA ALA A 93 -1.77 18.17 24.64
C ALA A 93 -2.31 16.91 25.31
N PRO A 94 -2.31 16.83 26.64
CA PRO A 94 -2.66 15.56 27.31
C PRO A 94 -4.11 15.19 27.05
N VAL A 95 -4.33 13.91 26.70
CA VAL A 95 -5.66 13.35 26.54
C VAL A 95 -5.69 11.97 27.19
N ALA A 96 -6.91 11.48 27.43
CA ALA A 96 -7.08 10.11 27.90
C ALA A 96 -6.68 9.13 26.81
N ALA A 97 -6.24 7.94 27.22
CA ALA A 97 -5.76 6.94 26.28
C ALA A 97 -6.88 5.96 25.92
N ALA A 98 -6.88 5.51 24.66
CA ALA A 98 -7.88 4.59 24.12
C ALA A 98 -7.67 3.16 24.64
N ASP A 99 -8.65 2.30 24.35
CA ASP A 99 -8.53 0.90 24.73
C ASP A 99 -7.34 0.22 24.08
N VAL A 100 -7.03 0.61 22.85
CA VAL A 100 -5.89 0.09 22.09
C VAL A 100 -5.10 1.28 21.59
N VAL A 101 -3.77 1.19 21.71
CA VAL A 101 -2.88 2.21 21.17
C VAL A 101 -1.94 1.52 20.21
N ILE A 102 -1.94 1.98 18.96
CA ILE A 102 -1.06 1.43 17.93
C ILE A 102 0.00 2.47 17.61
N GLU A 103 1.27 2.08 17.79
CA GLU A 103 2.40 2.81 17.25
C GLU A 103 2.64 2.27 15.84
N ALA A 104 2.40 3.08 14.82
CA ALA A 104 2.64 2.62 13.46
C ALA A 104 4.11 2.81 13.12
N PHE A 105 4.80 1.71 12.79
CA PHE A 105 6.16 1.77 12.25
C PHE A 105 7.13 2.44 13.24
N ALA A 106 7.04 2.03 14.50
CA ALA A 106 8.08 2.30 15.50
C ALA A 106 8.26 3.79 15.78
N CYS A 107 7.20 4.58 15.61
CA CYS A 107 7.23 5.93 16.13
C CYS A 107 7.08 5.90 17.65
N GLU A 108 7.48 6.97 18.31
CA GLU A 108 7.52 7.00 19.76
C GLU A 108 6.30 7.72 20.33
N LEU A 109 5.63 7.07 21.27
CA LEU A 109 4.46 7.67 21.92
C LEU A 109 4.86 8.87 22.77
N PRO A 110 3.97 9.85 22.90
CA PRO A 110 4.18 10.94 23.86
C PRO A 110 4.25 10.40 25.29
N GLU A 111 5.12 11.00 26.09
CA GLU A 111 5.30 10.52 27.45
C GLU A 111 4.00 10.57 28.24
N ALA A 112 3.21 11.64 28.07
CA ALA A 112 1.96 11.74 28.81
C ALA A 112 0.97 10.68 28.38
N HIS A 113 1.03 10.23 27.12
CA HIS A 113 0.11 9.20 26.68
C HIS A 113 0.46 7.86 27.30
N ARG A 114 1.75 7.57 27.47
CA ARG A 114 2.15 6.36 28.16
C ARG A 114 1.66 6.37 29.60
N GLN A 115 1.75 7.52 30.28
CA GLN A 115 1.15 7.65 31.59
C GLN A 115 -0.35 7.40 31.54
N ALA A 116 -1.03 7.99 30.57
CA ALA A 116 -2.47 7.81 30.45
C ALA A 116 -2.82 6.34 30.23
N MSE A 117 -2.00 5.62 29.46
CA MSE A 117 -2.26 4.22 29.19
C MSE A 117 -2.14 3.40 30.49
O MSE A 117 -2.91 2.47 30.71
CB MSE A 117 -1.28 3.70 28.13
CG MSE A 117 -1.52 4.37 26.80
SE MSE A 117 0.03 4.19 25.62
CE MSE A 117 -0.03 2.25 25.65
N ARG A 118 -1.16 3.77 31.33
CA ARG A 118 -0.93 3.07 32.59
C ARG A 118 -2.01 3.35 33.63
N GLU A 119 -2.58 4.55 33.61
CA GLU A 119 -3.50 4.97 34.66
C GLU A 119 -4.89 4.36 34.54
N ARG A 120 -5.23 3.82 33.37
CA ARG A 120 -6.54 3.24 33.13
C ARG A 120 -6.77 2.03 34.04
N LYS A 121 -8.03 1.86 34.47
CA LYS A 121 -8.40 0.66 35.21
C LYS A 121 -8.00 -0.60 34.47
N ARG A 122 -8.22 -0.63 33.15
CA ARG A 122 -7.63 -1.62 32.27
C ARG A 122 -6.63 -0.93 31.35
N PRO A 123 -5.33 -1.09 31.59
CA PRO A 123 -4.33 -0.41 30.74
C PRO A 123 -4.55 -0.70 29.27
N SER A 124 -4.20 0.29 28.44
CA SER A 124 -4.37 0.15 27.00
C SER A 124 -3.62 -1.08 26.48
N LEU A 125 -4.21 -1.75 25.50
CA LEU A 125 -3.43 -2.69 24.69
C LEU A 125 -2.50 -1.88 23.80
N TRP A 126 -1.21 -2.14 23.89
CA TRP A 126 -0.18 -1.39 23.20
C TRP A 126 0.40 -2.26 22.09
N LEU A 127 0.26 -1.82 20.84
CA LEU A 127 0.72 -2.56 19.68
C LEU A 127 1.73 -1.73 18.91
N ASN A 128 2.69 -2.42 18.28
CA ASN A 128 3.55 -1.80 17.27
C ASN A 128 3.23 -2.46 15.94
N LEU A 129 2.72 -1.69 15.00
CA LEU A 129 2.43 -2.20 13.67
C LEU A 129 3.72 -2.11 12.86
N GLU A 130 4.21 -3.27 12.41
CA GLU A 130 5.48 -3.36 11.72
C GLU A 130 5.28 -3.26 10.20
N TYR A 131 6.39 -2.95 9.52
CA TYR A 131 6.40 -3.01 8.06
C TYR A 131 6.14 -4.43 7.58
N LEU A 132 5.50 -4.52 6.41
CA LEU A 132 5.21 -5.80 5.79
C LEU A 132 6.47 -6.46 5.25
N SER A 133 6.63 -7.75 5.51
CA SER A 133 7.75 -8.51 4.96
C SER A 133 7.32 -9.92 4.65
N ALA A 134 7.90 -10.47 3.59
CA ALA A 134 7.74 -11.88 3.25
C ALA A 134 8.80 -12.76 3.92
N GLU A 135 9.69 -12.18 4.72
CA GLU A 135 10.74 -12.97 5.34
C GLU A 135 10.12 -13.98 6.30
N GLU A 136 10.64 -15.20 6.27
CA GLU A 136 10.04 -16.28 7.05
C GLU A 136 10.08 -15.98 8.54
N TRP A 137 11.08 -15.23 9.00
CA TRP A 137 11.28 -15.07 10.44
C TRP A 137 10.20 -14.23 11.12
N ILE A 138 9.44 -13.43 10.38
CA ILE A 138 8.46 -12.59 11.07
C ILE A 138 7.41 -13.44 11.78
N GLY A 139 7.21 -14.68 11.32
CA GLY A 139 6.25 -15.55 11.98
C GLY A 139 6.62 -15.85 13.43
N SER A 140 7.92 -15.97 13.71
CA SER A 140 8.38 -16.22 15.07
C SER A 140 8.25 -14.99 15.97
N CYS A 141 8.02 -13.81 15.41
CA CYS A 141 7.91 -12.59 16.20
C CYS A 141 6.52 -11.99 16.22
N HIS A 142 5.60 -12.49 15.39
CA HIS A 142 4.27 -11.92 15.36
C HIS A 142 3.58 -12.18 16.69
N ALA A 143 2.94 -11.14 17.24
CA ALA A 143 2.20 -11.17 18.51
C ALA A 143 3.14 -11.33 19.69
N LEU A 144 4.43 -11.11 19.51
CA LEU A 144 5.38 -11.24 20.59
C LEU A 144 5.19 -10.11 21.59
N PRO A 145 4.98 -10.42 22.88
CA PRO A 145 4.94 -9.36 23.89
C PRO A 145 6.33 -8.92 24.29
N SER A 146 6.45 -7.64 24.60
CA SER A 146 7.69 -7.11 25.16
C SER A 146 7.36 -6.26 26.38
N LEU A 147 7.77 -6.73 27.55
CA LEU A 147 7.60 -6.00 28.80
C LEU A 147 8.45 -4.72 28.75
N GLN A 148 7.80 -3.58 28.96
CA GLN A 148 8.48 -2.30 28.93
C GLN A 148 8.85 -1.86 30.35
N ALA A 149 9.66 -0.79 30.43
CA ALA A 149 10.15 -0.33 31.72
C ALA A 149 9.02 0.22 32.58
N CYS A 150 8.08 0.95 31.97
CA CYS A 150 6.97 1.52 32.71
C CYS A 150 6.06 0.46 33.31
N GLY A 151 6.21 -0.80 32.92
CA GLY A 151 5.40 -1.89 33.44
C GLY A 151 4.36 -2.40 32.47
N LEU A 152 4.05 -1.64 31.42
CA LEU A 152 3.20 -2.13 30.37
C LEU A 152 4.00 -3.02 29.44
N SER A 153 3.31 -3.90 28.72
CA SER A 153 3.93 -4.64 27.64
C SER A 153 3.38 -4.11 26.32
N LYS A 154 4.22 -4.17 25.29
CA LYS A 154 3.76 -3.86 23.95
C LYS A 154 3.94 -5.10 23.07
N TYR A 155 3.03 -5.25 22.10
CA TYR A 155 2.97 -6.44 21.28
C TYR A 155 3.35 -6.07 19.87
N PHE A 156 4.24 -6.86 19.26
CA PHE A 156 4.62 -6.64 17.87
C PHE A 156 3.59 -7.30 16.96
N PHE A 157 3.17 -6.58 15.93
CA PHE A 157 2.15 -7.06 15.01
C PHE A 157 2.75 -6.97 13.61
N PHE A 158 3.09 -8.13 13.02
CA PHE A 158 3.81 -8.20 11.74
C PHE A 158 2.83 -8.59 10.64
N PRO A 159 2.45 -7.68 9.74
CA PRO A 159 1.71 -8.11 8.54
C PRO A 159 2.54 -9.12 7.78
N GLY A 160 1.87 -10.00 7.04
CA GLY A 160 2.65 -11.02 6.34
C GLY A 160 1.83 -11.75 5.29
N PHE A 161 2.56 -12.54 4.49
CA PHE A 161 1.98 -13.24 3.34
C PHE A 161 1.69 -14.70 3.62
N ARG A 162 2.16 -15.22 4.73
CA ARG A 162 1.95 -16.61 5.12
C ARG A 162 1.63 -16.66 6.61
N GLU A 163 1.21 -17.88 7.09
CA GLU A 163 0.96 -17.96 8.52
C GLU A 163 2.17 -18.56 9.24
N PRO A 164 2.44 -18.12 10.48
CA PRO A 164 1.71 -17.11 11.25
C PRO A 164 2.13 -15.69 10.90
N SER A 165 1.17 -14.77 10.95
CA SER A 165 1.43 -13.35 10.67
C SER A 165 0.14 -12.56 10.90
N GLY A 166 0.22 -11.24 10.78
CA GLY A 166 -0.94 -10.37 10.89
C GLY A 166 -1.70 -10.18 9.59
N GLY A 167 -1.33 -10.90 8.52
CA GLY A 167 -2.10 -10.82 7.28
C GLY A 167 -1.83 -9.53 6.52
N LEU A 168 -2.72 -9.23 5.55
CA LEU A 168 -2.64 -8.06 4.70
C LEU A 168 -3.92 -7.25 4.81
N LEU A 169 -3.79 -5.92 4.74
CA LEU A 169 -4.97 -5.06 4.68
C LEU A 169 -5.78 -5.38 3.44
N ARG A 170 -7.10 -5.55 3.62
CA ARG A 170 -8.00 -5.85 2.50
C ARG A 170 -9.43 -5.55 2.94
N GLU A 171 -10.08 -4.64 2.24
CA GLU A 171 -11.45 -4.24 2.58
C GLU A 171 -12.43 -5.35 2.22
N ALA A 172 -13.53 -5.40 2.97
CA ALA A 172 -14.59 -6.35 2.66
C ALA A 172 -15.09 -6.13 1.24
N GLY A 173 -15.26 -7.23 0.51
CA GLY A 173 -15.79 -7.19 -0.83
C GLY A 173 -14.86 -6.64 -1.89
N LEU A 174 -13.59 -6.40 -1.54
CA LEU A 174 -12.69 -5.74 -2.50
C LEU A 174 -12.52 -6.54 -3.78
N LEU A 175 -12.24 -7.83 -3.66
CA LEU A 175 -11.94 -8.58 -4.87
C LEU A 175 -13.19 -8.79 -5.72
N GLU A 176 -14.37 -8.95 -5.08
CA GLU A 176 -15.62 -8.98 -5.85
C GLU A 176 -15.81 -7.68 -6.63
N ARG A 177 -15.54 -6.53 -6.00
CA ARG A 177 -15.67 -5.26 -6.73
C ARG A 177 -14.67 -5.19 -7.87
N ARG A 178 -13.43 -5.62 -7.61
CA ARG A 178 -12.40 -5.59 -8.64
C ARG A 178 -12.78 -6.46 -9.82
N ARG A 179 -13.28 -7.67 -9.54
CA ARG A 179 -13.66 -8.57 -10.64
C ARG A 179 -14.77 -7.96 -11.49
N ARG A 180 -15.78 -7.35 -10.86
CA ARG A 180 -16.85 -6.75 -11.65
C ARG A 180 -16.32 -5.61 -12.51
N PHE A 181 -15.40 -4.83 -11.97
CA PHE A 181 -14.81 -3.70 -12.69
C PHE A 181 -14.02 -4.16 -13.89
N GLN A 182 -13.16 -5.16 -13.70
CA GLN A 182 -12.32 -5.67 -14.78
C GLN A 182 -13.12 -6.41 -15.83
N ALA A 183 -14.31 -6.88 -15.49
CA ALA A 183 -15.18 -7.53 -16.46
C ALA A 183 -16.04 -6.55 -17.25
N SER A 184 -15.94 -5.25 -16.98
CA SER A 184 -16.77 -4.24 -17.64
C SER A 184 -15.88 -3.29 -18.42
N VAL A 185 -15.95 -3.38 -19.76
CA VAL A 185 -15.22 -2.43 -20.59
C VAL A 185 -15.68 -1.00 -20.32
N SER A 186 -16.99 -0.82 -20.15
CA SER A 186 -17.51 0.53 -20.01
C SER A 186 -17.11 1.16 -18.69
N ALA A 187 -17.11 0.38 -17.60
CA ALA A 187 -16.65 0.92 -16.32
C ALA A 187 -15.20 1.36 -16.41
N GLN A 188 -14.36 0.57 -17.07
CA GLN A 188 -12.95 0.94 -17.22
C GLN A 188 -12.80 2.16 -18.11
N ASP A 189 -13.49 2.18 -19.27
CA ASP A 189 -13.40 3.32 -20.16
C ASP A 189 -13.88 4.59 -19.48
N GLU A 190 -15.01 4.51 -18.78
CA GLU A 190 -15.52 5.70 -18.11
CA GLU A 190 -15.53 5.70 -18.10
C GLU A 190 -14.55 6.19 -17.04
N PHE A 191 -13.97 5.26 -16.27
CA PHE A 191 -13.03 5.69 -15.23
C PHE A 191 -11.82 6.35 -15.85
N LEU A 192 -11.21 5.71 -16.85
CA LEU A 192 -10.04 6.29 -17.47
C LEU A 192 -10.36 7.65 -18.09
N ALA A 193 -11.56 7.79 -18.67
CA ALA A 193 -11.95 9.07 -19.25
C ALA A 193 -11.99 10.16 -18.18
N SER A 194 -12.36 9.80 -16.94
CA SER A 194 -12.37 10.78 -15.85
C SER A 194 -10.96 11.24 -15.51
N LEU A 195 -9.93 10.48 -15.90
CA LEU A 195 -8.54 10.91 -15.78
C LEU A 195 -8.02 11.59 -17.04
N GLY A 196 -8.84 11.68 -18.09
CA GLY A 196 -8.40 12.24 -19.35
C GLY A 196 -7.77 11.22 -20.28
N VAL A 197 -7.87 9.94 -19.95
CA VAL A 197 -7.16 8.88 -20.64
C VAL A 197 -8.15 8.11 -21.50
N ARG A 198 -7.76 7.85 -22.75
CA ARG A 198 -8.51 6.96 -23.63
C ARG A 198 -7.55 5.97 -24.23
N ARG A 199 -7.74 4.68 -23.94
CA ARG A 199 -6.88 3.64 -24.46
C ARG A 199 -7.09 3.47 -25.95
N LYS A 200 -6.02 3.19 -26.68
CA LYS A 200 -6.13 2.82 -28.08
C LYS A 200 -6.21 1.29 -28.20
N VAL A 201 -6.86 0.84 -29.27
CA VAL A 201 -7.03 -0.60 -29.46
C VAL A 201 -5.65 -1.25 -29.57
N GLY A 202 -5.45 -2.32 -28.80
CA GLY A 202 -4.22 -3.07 -28.82
C GLY A 202 -3.09 -2.43 -28.05
N GLU A 203 -3.35 -1.33 -27.36
CA GLU A 203 -2.33 -0.61 -26.60
C GLU A 203 -2.27 -1.18 -25.18
N ARG A 204 -1.07 -1.58 -24.74
CA ARG A 204 -0.88 -2.03 -23.36
C ARG A 204 -0.77 -0.83 -22.44
N LEU A 205 -1.41 -0.92 -21.28
CA LEU A 205 -1.47 0.19 -20.32
C LEU A 205 -0.52 -0.10 -19.17
N ILE A 206 0.42 0.80 -18.92
CA ILE A 206 1.39 0.64 -17.85
C ILE A 206 1.32 1.87 -16.96
N SER A 207 1.12 1.67 -15.66
CA SER A 207 1.22 2.80 -14.73
C SER A 207 2.63 2.83 -14.14
N LEU A 208 3.15 4.05 -13.92
CA LEU A 208 4.55 4.21 -13.48
C LEU A 208 4.59 5.12 -12.26
N PHE A 209 4.51 4.52 -11.07
CA PHE A 209 4.74 5.20 -9.80
C PHE A 209 6.05 4.67 -9.25
N ALA A 210 7.11 5.47 -9.33
CA ALA A 210 8.43 4.97 -9.01
C ALA A 210 9.25 6.07 -8.38
N TYR A 211 10.45 5.71 -7.96
CA TYR A 211 11.47 6.66 -7.54
C TYR A 211 12.47 6.84 -8.68
N GLU A 212 13.31 7.85 -8.54
CA GLU A 212 14.30 8.15 -9.57
C GLU A 212 15.16 6.92 -9.84
N ASN A 213 15.47 6.69 -11.12
CA ASN A 213 16.17 5.48 -11.54
C ASN A 213 16.94 5.72 -12.83
N PRO A 214 18.27 5.61 -12.81
CA PRO A 214 19.03 5.82 -14.05
C PRO A 214 18.76 4.79 -15.13
N ALA A 215 18.14 3.66 -14.80
CA ALA A 215 17.80 2.65 -15.79
C ALA A 215 16.47 2.94 -16.49
N LEU A 216 15.73 3.95 -16.06
CA LEU A 216 14.46 4.25 -16.72
C LEU A 216 14.61 4.58 -18.21
N PRO A 217 15.58 5.40 -18.66
CA PRO A 217 15.63 5.70 -20.09
C PRO A 217 15.81 4.47 -20.96
N GLY A 218 16.66 3.52 -20.56
CA GLY A 218 16.82 2.32 -21.33
C GLY A 218 15.53 1.53 -21.44
N TRP A 219 14.70 1.59 -20.40
CA TRP A 219 13.41 0.90 -20.44
C TRP A 219 12.41 1.66 -21.30
N LEU A 220 12.37 2.99 -21.19
CA LEU A 220 11.55 3.78 -22.11
C LEU A 220 11.93 3.50 -23.56
N GLU A 221 13.23 3.35 -23.83
CA GLU A 221 13.67 3.08 -25.19
C GLU A 221 13.15 1.73 -25.68
N GLN A 222 13.12 0.74 -24.79
CA GLN A 222 12.58 -0.57 -25.17
C GLN A 222 11.09 -0.48 -25.46
N LEU A 223 10.35 0.32 -24.68
CA LEU A 223 8.93 0.51 -24.96
C LEU A 223 8.72 1.25 -26.26
N ARG A 224 9.59 2.22 -26.55
CA ARG A 224 9.48 2.99 -27.79
C ARG A 224 9.75 2.11 -29.01
N ASP A 225 10.67 1.16 -28.89
CA ASP A 225 11.17 0.42 -30.04
C ASP A 225 10.44 -0.90 -30.26
N ALA A 226 9.51 -1.27 -29.38
CA ALA A 226 8.80 -2.53 -29.47
C ALA A 226 7.81 -2.53 -30.63
N ARG A 227 7.33 -3.72 -30.97
CA ARG A 227 6.32 -3.84 -32.02
C ARG A 227 4.92 -3.53 -31.50
N GLN A 228 4.63 -3.91 -30.25
CA GLN A 228 3.32 -3.64 -29.64
C GLN A 228 3.33 -2.28 -28.95
N PRO A 229 2.31 -1.44 -29.15
CA PRO A 229 2.31 -0.12 -28.53
C PRO A 229 1.97 -0.14 -27.04
N SER A 230 2.48 0.85 -26.33
CA SER A 230 2.25 0.98 -24.90
C SER A 230 1.78 2.40 -24.59
N LEU A 231 0.92 2.52 -23.58
CA LEU A 231 0.55 3.81 -23.01
C LEU A 231 1.09 3.83 -21.59
N LEU A 232 1.98 4.78 -21.31
CA LEU A 232 2.65 4.89 -20.03
C LEU A 232 2.05 6.06 -19.29
N LEU A 233 1.46 5.79 -18.12
CA LEU A 233 0.72 6.79 -17.33
C LEU A 233 1.58 7.17 -16.14
N VAL A 234 1.91 8.46 -16.02
CA VAL A 234 2.92 8.91 -15.06
C VAL A 234 2.37 10.05 -14.22
N PRO A 235 2.50 10.01 -12.89
CA PRO A 235 2.09 11.15 -12.06
C PRO A 235 3.18 12.21 -11.98
N GLU A 236 2.78 13.39 -11.51
CA GLU A 236 3.75 14.46 -11.30
C GLU A 236 4.76 14.06 -10.23
N GLY A 237 5.96 14.62 -10.32
CA GLY A 237 7.02 14.28 -9.39
C GLY A 237 8.34 14.05 -10.09
N ARG A 238 9.29 13.50 -9.34
CA ARG A 238 10.67 13.42 -9.82
C ARG A 238 10.79 12.52 -11.04
N VAL A 239 10.10 11.38 -11.06
CA VAL A 239 10.22 10.50 -12.21
C VAL A 239 9.64 11.17 -13.45
N LEU A 240 8.56 11.94 -13.28
CA LEU A 240 8.02 12.69 -14.40
C LEU A 240 9.06 13.66 -14.96
N ALA A 241 9.85 14.29 -14.08
CA ALA A 241 10.91 15.17 -14.56
C ALA A 241 11.93 14.40 -15.39
N ASP A 242 12.24 13.16 -14.98
CA ASP A 242 13.17 12.32 -15.73
C ASP A 242 12.57 11.88 -17.05
N VAL A 243 11.27 11.58 -17.06
CA VAL A 243 10.58 11.27 -18.32
C VAL A 243 10.62 12.48 -19.25
N ALA A 244 10.39 13.68 -18.70
CA ALA A 244 10.46 14.88 -19.52
C ALA A 244 11.84 15.05 -20.13
N ASP A 245 12.90 14.79 -19.35
CA ASP A 245 14.25 14.87 -19.90
C ASP A 245 14.45 13.91 -21.05
N TRP A 246 13.99 12.67 -20.90
CA TRP A 246 14.12 11.67 -21.95
C TRP A 246 13.32 12.06 -23.19
N LEU A 247 12.13 12.63 -22.99
CA LEU A 247 11.33 13.16 -24.09
C LEU A 247 11.95 14.41 -24.71
N ARG A 248 12.92 15.03 -24.03
CA ARG A 248 13.46 16.33 -24.41
C ARG A 248 12.34 17.37 -24.50
N VAL A 249 11.52 17.43 -23.46
CA VAL A 249 10.46 18.41 -23.35
C VAL A 249 10.68 19.17 -22.05
N ALA A 250 10.56 20.50 -22.11
CA ALA A 250 10.89 21.32 -20.94
C ALA A 250 9.89 21.12 -19.81
N THR A 251 8.61 20.98 -20.15
CA THR A 251 7.60 20.89 -19.10
C THR A 251 6.55 19.85 -19.45
N LEU A 252 6.10 19.10 -18.43
CA LEU A 252 5.06 18.09 -18.57
C LEU A 252 3.95 18.40 -17.59
N ALA A 253 2.80 18.84 -18.08
CA ALA A 253 1.66 19.18 -17.25
C ALA A 253 0.65 18.03 -17.27
N VAL A 254 -0.20 18.01 -16.24
CA VAL A 254 -1.28 17.03 -16.18
C VAL A 254 -2.09 17.08 -17.46
N GLY A 255 -2.36 15.91 -18.04
CA GLY A 255 -3.07 15.82 -19.29
C GLY A 255 -2.20 15.79 -20.54
N ASP A 256 -0.93 16.19 -20.45
CA ASP A 256 -0.08 16.22 -21.63
C ASP A 256 0.16 14.81 -22.14
N VAL A 257 0.22 14.67 -23.46
CA VAL A 257 0.45 13.40 -24.14
C VAL A 257 1.59 13.57 -25.12
N HIS A 258 2.57 12.68 -25.08
CA HIS A 258 3.66 12.68 -26.05
C HIS A 258 3.84 11.28 -26.62
N VAL A 259 4.10 11.22 -27.93
CA VAL A 259 4.24 9.95 -28.63
C VAL A 259 5.68 9.82 -29.15
N ARG A 260 6.31 8.68 -28.86
CA ARG A 260 7.61 8.32 -29.41
C ARG A 260 7.44 6.90 -29.97
N ASP A 261 7.17 6.80 -31.27
CA ASP A 261 6.94 5.52 -31.93
C ASP A 261 5.92 4.68 -31.16
N ALA A 262 6.32 3.53 -30.62
CA ALA A 262 5.37 2.62 -29.99
C ALA A 262 4.97 3.04 -28.59
N LEU A 263 5.58 4.08 -28.04
CA LEU A 263 5.32 4.50 -26.66
C LEU A 263 4.55 5.81 -26.65
N ARG A 264 3.43 5.81 -25.95
CA ARG A 264 2.67 7.02 -25.68
C ARG A 264 2.76 7.28 -24.19
N VAL A 265 3.11 8.52 -23.81
CA VAL A 265 3.25 8.93 -22.41
C VAL A 265 2.15 9.94 -22.11
N GLN A 266 1.44 9.76 -21.00
CA GLN A 266 0.42 10.71 -20.58
C GLN A 266 0.54 10.99 -19.10
N VAL A 267 0.37 12.25 -18.71
CA VAL A 267 0.52 12.66 -17.31
C VAL A 267 -0.81 12.54 -16.60
N LEU A 268 -0.81 11.82 -15.47
CA LEU A 268 -1.96 11.60 -14.63
C LEU A 268 -2.25 12.78 -13.71
N PRO A 269 -3.51 13.03 -13.40
CA PRO A 269 -3.83 13.95 -12.31
C PRO A 269 -3.68 13.26 -10.96
N PHE A 270 -3.74 14.06 -9.91
CA PHE A 270 -3.73 13.49 -8.57
C PHE A 270 -4.90 12.53 -8.40
N MSE A 271 -4.64 11.44 -7.68
CA MSE A 271 -5.68 10.45 -7.39
C MSE A 271 -5.73 10.09 -5.91
O MSE A 271 -4.70 9.80 -5.31
CB MSE A 271 -5.44 9.19 -8.19
CG MSE A 271 -5.19 9.43 -9.67
SE MSE A 271 -5.09 7.72 -10.53
CE MSE A 271 -6.96 7.37 -10.54
N ALA A 272 -6.93 10.10 -5.35
CA ALA A 272 -7.14 9.55 -4.01
C ALA A 272 -6.95 8.03 -4.05
N GLN A 273 -6.83 7.41 -2.86
CA GLN A 273 -6.52 5.99 -2.77
C GLN A 273 -7.48 5.12 -3.59
N ASP A 274 -8.79 5.39 -3.47
CA ASP A 274 -9.76 4.53 -4.14
C ASP A 274 -9.69 4.68 -5.66
N ASP A 275 -9.44 5.89 -6.16
CA ASP A 275 -9.28 6.02 -7.60
C ASP A 275 -7.98 5.38 -8.07
N TYR A 276 -6.92 5.46 -7.26
CA TYR A 276 -5.69 4.77 -7.64
C TYR A 276 -5.92 3.27 -7.76
N ASP A 277 -6.75 2.70 -6.88
CA ASP A 277 -7.13 1.29 -7.06
C ASP A 277 -7.71 1.06 -8.43
N ARG A 278 -8.65 1.91 -8.85
CA ARG A 278 -9.29 1.69 -10.14
C ARG A 278 -8.30 1.81 -11.28
N LEU A 279 -7.31 2.69 -11.15
CA LEU A 279 -6.26 2.75 -12.15
C LEU A 279 -5.46 1.46 -12.18
N LEU A 280 -5.05 0.96 -11.01
CA LEU A 280 -4.36 -0.33 -10.94
C LEU A 280 -5.18 -1.44 -11.59
N TRP A 281 -6.50 -1.40 -11.39
CA TRP A 281 -7.35 -2.46 -11.95
C TRP A 281 -7.45 -2.37 -13.47
N CYS A 282 -7.25 -1.19 -14.05
CA CYS A 282 -7.30 -1.04 -15.51
C CYS A 282 -6.00 -1.48 -16.18
N CYS A 283 -4.87 -1.28 -15.52
CA CYS A 283 -3.59 -1.40 -16.20
C CYS A 283 -3.19 -2.85 -16.38
N ASP A 284 -2.37 -3.08 -17.40
CA ASP A 284 -1.83 -4.40 -17.68
C ASP A 284 -0.55 -4.68 -16.91
N LEU A 285 0.12 -3.63 -16.48
CA LEU A 285 1.32 -3.71 -15.65
C LEU A 285 1.37 -2.46 -14.77
N ASN A 286 1.50 -2.65 -13.45
CA ASN A 286 1.55 -1.51 -12.53
C ASN A 286 2.92 -1.47 -11.87
N ALA A 287 3.69 -0.43 -12.16
CA ALA A 287 4.90 -0.13 -11.41
C ALA A 287 4.50 0.74 -10.23
N VAL A 288 4.78 0.26 -9.00
CA VAL A 288 4.29 0.91 -7.79
C VAL A 288 5.44 1.13 -6.83
N ARG A 289 5.18 1.95 -5.82
CA ARG A 289 6.18 2.31 -4.83
C ARG A 289 5.49 2.41 -3.48
N GLY A 290 6.22 2.05 -2.43
CA GLY A 290 5.71 2.19 -1.09
C GLY A 290 4.88 0.99 -0.65
N GLU A 291 4.73 0.85 0.66
CA GLU A 291 4.14 -0.39 1.18
C GLU A 291 2.66 -0.52 0.83
N ASP A 292 1.92 0.59 0.85
CA ASP A 292 0.49 0.47 0.59
C ASP A 292 0.23 0.03 -0.84
N SER A 293 0.81 0.74 -1.82
CA SER A 293 0.50 0.44 -3.21
C SER A 293 1.03 -0.93 -3.63
N PHE A 294 2.10 -1.38 -3.01
CA PHE A 294 2.62 -2.72 -3.28
C PHE A 294 1.54 -3.77 -3.05
N VAL A 295 0.78 -3.65 -1.95
CA VAL A 295 -0.30 -4.62 -1.71
C VAL A 295 -1.50 -4.34 -2.61
N ARG A 296 -1.86 -3.07 -2.81
CA ARG A 296 -2.99 -2.76 -3.69
C ARG A 296 -2.76 -3.31 -5.10
N ALA A 297 -1.51 -3.27 -5.58
CA ALA A 297 -1.24 -3.81 -6.91
C ALA A 297 -1.41 -5.32 -6.96
N GLN A 298 -1.18 -5.99 -5.83
CA GLN A 298 -1.44 -7.42 -5.77
C GLN A 298 -2.93 -7.71 -5.77
N TRP A 299 -3.73 -6.91 -5.05
CA TRP A 299 -5.17 -7.14 -5.10
C TRP A 299 -5.73 -6.88 -6.51
N ALA A 300 -5.05 -6.03 -7.30
CA ALA A 300 -5.48 -5.80 -8.67
C ALA A 300 -5.43 -7.05 -9.53
N GLY A 301 -4.69 -8.07 -9.11
CA GLY A 301 -4.59 -9.28 -9.90
C GLY A 301 -3.93 -9.04 -11.24
N ARG A 302 -2.97 -8.13 -11.29
CA ARG A 302 -2.24 -7.81 -12.51
C ARG A 302 -0.75 -7.82 -12.24
N PRO A 303 0.07 -8.02 -13.28
CA PRO A 303 1.53 -7.89 -13.16
C PRO A 303 1.89 -6.57 -12.49
N LEU A 304 2.96 -6.62 -11.71
CA LEU A 304 3.42 -5.43 -11.00
C LEU A 304 4.93 -5.41 -10.96
N LEU A 305 5.45 -4.21 -10.72
CA LEU A 305 6.86 -3.96 -10.49
C LEU A 305 6.93 -3.12 -9.22
N TRP A 306 7.67 -3.59 -8.23
CA TRP A 306 7.77 -2.88 -6.94
C TRP A 306 9.10 -2.16 -6.84
N HIS A 307 9.04 -0.85 -6.61
CA HIS A 307 10.23 -0.05 -6.34
C HIS A 307 10.25 0.20 -4.84
N ILE A 308 11.31 -0.23 -4.17
CA ILE A 308 11.34 -0.19 -2.71
C ILE A 308 12.18 1.00 -2.27
N TYR A 309 11.76 1.60 -1.15
CA TYR A 309 12.43 2.80 -0.63
C TYR A 309 13.80 2.48 -0.03
N HIS A 316 16.89 -3.75 2.41
CA HIS A 316 15.80 -3.84 1.43
C HIS A 316 15.94 -5.11 0.58
N LEU A 317 17.18 -5.55 0.37
CA LEU A 317 17.41 -6.74 -0.44
C LEU A 317 16.73 -7.97 0.18
N ALA A 318 16.80 -8.11 1.51
CA ALA A 318 16.19 -9.27 2.15
C ALA A 318 14.68 -9.31 1.92
N LYS A 319 14.01 -8.15 2.05
CA LYS A 319 12.57 -8.11 1.81
C LYS A 319 12.24 -8.40 0.36
N LEU A 320 13.01 -7.81 -0.56
CA LEU A 320 12.76 -8.00 -1.98
C LEU A 320 12.94 -9.47 -2.35
N GLU A 321 14.05 -10.06 -1.94
CA GLU A 321 14.33 -11.44 -2.28
C GLU A 321 13.33 -12.39 -1.62
N ALA A 322 12.93 -12.10 -0.38
CA ALA A 322 11.96 -12.98 0.26
C ALA A 322 10.62 -12.92 -0.45
N PHE A 323 10.18 -11.72 -0.88
CA PHE A 323 8.92 -11.67 -1.62
C PHE A 323 9.05 -12.42 -2.93
N LEU A 324 10.15 -12.23 -3.64
CA LEU A 324 10.30 -12.89 -4.93
C LEU A 324 10.26 -14.41 -4.78
N GLU A 325 10.90 -14.94 -3.73
CA GLU A 325 10.85 -16.38 -3.51
C GLU A 325 9.42 -16.89 -3.40
N LEU A 326 8.60 -16.19 -2.61
CA LEU A 326 7.22 -16.63 -2.39
C LEU A 326 6.36 -16.40 -3.64
N TYR A 327 6.44 -15.19 -4.19
CA TYR A 327 5.61 -14.83 -5.33
C TYR A 327 5.96 -15.66 -6.57
N CYS A 328 7.24 -15.99 -6.74
CA CYS A 328 7.66 -16.74 -7.93
C CYS A 328 7.53 -18.24 -7.77
N ALA A 329 7.21 -18.71 -6.55
CA ALA A 329 7.23 -20.14 -6.28
C ALA A 329 6.26 -20.89 -7.19
N GLY A 330 5.11 -20.29 -7.50
CA GLY A 330 4.12 -20.93 -8.34
C GLY A 330 4.22 -20.62 -9.81
N LEU A 331 5.27 -19.91 -10.25
CA LEU A 331 5.38 -19.51 -11.65
C LEU A 331 6.24 -20.49 -12.43
N PRO A 332 6.00 -20.61 -13.74
CA PRO A 332 6.93 -21.36 -14.59
C PRO A 332 8.33 -20.80 -14.49
N ALA A 333 9.31 -21.70 -14.61
CA ALA A 333 10.71 -21.34 -14.39
C ALA A 333 11.15 -20.16 -15.23
N ASP A 334 10.74 -20.12 -16.51
CA ASP A 334 11.20 -19.06 -17.40
C ASP A 334 10.66 -17.71 -16.98
N LEU A 335 9.37 -17.63 -16.64
CA LEU A 335 8.81 -16.39 -16.15
C LEU A 335 9.45 -15.99 -14.83
N ALA A 336 9.63 -16.95 -13.92
CA ALA A 336 10.19 -16.61 -12.61
C ALA A 336 11.60 -16.03 -12.75
N GLU A 337 12.40 -16.58 -13.66
CA GLU A 337 13.76 -16.09 -13.87
C GLU A 337 13.76 -14.67 -14.41
N ASN A 338 12.96 -14.40 -15.45
CA ASN A 338 12.92 -13.07 -16.03
C ASN A 338 12.32 -12.07 -15.07
N LEU A 339 11.32 -12.49 -14.31
CA LEU A 339 10.69 -11.58 -13.35
C LEU A 339 11.68 -11.19 -12.26
N ARG A 340 12.37 -12.18 -11.69
CA ARG A 340 13.34 -11.88 -10.63
C ARG A 340 14.44 -10.98 -11.16
N THR A 341 14.99 -11.30 -12.34
CA THR A 341 16.06 -10.50 -12.90
C THR A 341 15.61 -9.05 -13.14
N PHE A 342 14.41 -8.87 -13.66
CA PHE A 342 13.91 -7.52 -13.92
C PHE A 342 13.69 -6.76 -12.62
N TRP A 343 13.04 -7.39 -11.63
CA TRP A 343 12.79 -6.70 -10.37
C TRP A 343 14.08 -6.31 -9.67
N LEU A 344 15.06 -7.23 -9.64
CA LEU A 344 16.32 -6.91 -8.97
C LEU A 344 17.04 -5.77 -9.67
N ALA A 345 17.02 -5.77 -11.01
CA ALA A 345 17.68 -4.68 -11.73
C ALA A 345 16.92 -3.37 -11.57
N TRP A 346 15.59 -3.44 -11.55
CA TRP A 346 14.77 -2.26 -11.32
C TRP A 346 15.09 -1.61 -9.98
N ASN A 347 15.44 -2.40 -8.98
CA ASN A 347 15.75 -1.85 -7.67
C ASN A 347 17.24 -1.60 -7.48
N ALA A 348 18.08 -2.19 -8.33
CA ALA A 348 19.51 -1.91 -8.29
C ALA A 348 19.94 -0.84 -9.27
N GLY A 349 19.07 -0.47 -10.21
CA GLY A 349 19.41 0.55 -11.20
C GLY A 349 20.34 0.09 -12.30
N GLY A 350 20.49 -1.21 -12.48
CA GLY A 350 21.44 -1.77 -13.41
C GLY A 350 20.86 -2.04 -14.78
N GLY A 351 21.37 -3.10 -15.42
CA GLY A 351 20.96 -3.41 -16.78
C GLY A 351 19.55 -3.96 -16.82
N LEU A 352 18.68 -3.33 -17.61
CA LEU A 352 17.29 -3.75 -17.72
C LEU A 352 16.94 -4.41 -19.05
N ALA A 353 17.80 -4.28 -20.07
CA ALA A 353 17.41 -4.67 -21.42
C ALA A 353 17.02 -6.15 -21.50
N GLY A 354 17.91 -7.03 -21.06
CA GLY A 354 17.71 -8.46 -21.28
C GLY A 354 16.46 -8.99 -20.60
N ALA A 355 16.24 -8.61 -19.35
CA ALA A 355 15.11 -9.18 -18.62
C ALA A 355 13.78 -8.71 -19.19
N TRP A 356 13.69 -7.43 -19.61
CA TRP A 356 12.41 -6.91 -20.07
C TRP A 356 11.96 -7.58 -21.36
N GLU A 357 12.88 -7.74 -22.32
CA GLU A 357 12.51 -8.42 -23.56
C GLU A 357 11.84 -9.76 -23.27
N GLY A 358 12.49 -10.59 -22.44
CA GLY A 358 11.92 -11.88 -22.11
C GLY A 358 10.65 -11.75 -21.29
N LEU A 359 10.63 -10.80 -20.35
CA LEU A 359 9.47 -10.66 -19.47
C LEU A 359 8.25 -10.16 -20.24
N GLU A 360 8.45 -9.23 -21.17
CA GLU A 360 7.32 -8.66 -21.90
C GLU A 360 6.56 -9.74 -22.67
N ARG A 361 7.29 -10.69 -23.25
CA ARG A 361 6.65 -11.77 -23.99
C ARG A 361 5.82 -12.68 -23.10
N GLN A 362 6.03 -12.63 -21.78
CA GLN A 362 5.33 -13.51 -20.86
C GLN A 362 4.22 -12.81 -20.08
N LEU A 363 3.87 -11.58 -20.46
CA LEU A 363 2.87 -10.84 -19.68
C LEU A 363 1.51 -11.53 -19.62
N PRO A 364 0.98 -12.14 -20.69
CA PRO A 364 -0.32 -12.84 -20.53
C PRO A 364 -0.26 -13.98 -19.54
N GLU A 365 0.80 -14.78 -19.57
CA GLU A 365 0.94 -15.85 -18.58
C GLU A 365 1.05 -15.27 -17.18
N TRP A 366 1.90 -14.25 -17.02
CA TRP A 366 2.07 -13.63 -15.71
C TRP A 366 0.74 -13.09 -15.19
N ARG A 367 -0.08 -12.53 -16.08
CA ARG A 367 -1.38 -11.98 -15.67
C ARG A 367 -2.28 -13.06 -15.08
N ARG A 368 -2.32 -14.24 -15.70
CA ARG A 368 -3.09 -15.35 -15.14
C ARG A 368 -2.55 -15.76 -13.76
N GLU A 369 -1.23 -15.74 -13.59
CA GLU A 369 -0.67 -16.08 -12.30
C GLU A 369 -0.93 -14.99 -11.26
N ALA A 370 -0.95 -13.72 -11.70
CA ALA A 370 -1.26 -12.62 -10.78
C ALA A 370 -2.68 -12.72 -10.25
N GLN A 371 -3.62 -13.14 -11.10
CA GLN A 371 -4.98 -13.36 -10.64
C GLN A 371 -5.04 -14.50 -9.63
N ARG A 372 -4.34 -15.61 -9.90
CA ARG A 372 -4.29 -16.72 -8.95
C ARG A 372 -3.71 -16.28 -7.61
N TRP A 373 -2.63 -15.49 -7.63
CA TRP A 373 -2.00 -15.03 -6.40
C TRP A 373 -2.97 -14.20 -5.57
N ALA A 374 -3.67 -13.28 -6.23
CA ALA A 374 -4.64 -12.42 -5.53
C ALA A 374 -5.76 -13.26 -4.95
N ASP A 375 -6.26 -14.24 -5.73
CA ASP A 375 -7.32 -15.11 -5.22
C ASP A 375 -6.85 -15.89 -4.00
N GLU A 376 -5.63 -16.43 -4.04
CA GLU A 376 -5.13 -17.21 -2.90
C GLU A 376 -4.97 -16.33 -1.67
N GLN A 377 -4.32 -15.18 -1.83
CA GLN A 377 -4.18 -14.27 -0.69
C GLN A 377 -5.54 -13.79 -0.21
N GLY A 378 -6.51 -13.67 -1.13
CA GLY A 378 -7.84 -13.21 -0.79
C GLY A 378 -8.61 -14.16 0.10
N MSE A 379 -8.15 -15.40 0.22
CA MSE A 379 -8.81 -16.37 1.10
C MSE A 379 -8.36 -16.27 2.56
O MSE A 379 -9.02 -16.81 3.43
CB MSE A 379 -8.55 -17.78 0.57
CG MSE A 379 -9.09 -17.97 -0.83
SE MSE A 379 -11.04 -18.08 -0.87
CE MSE A 379 -11.60 -16.23 -0.90
N ARG A 380 -7.27 -15.57 2.80
CA ARG A 380 -6.77 -15.41 4.17
C ARG A 380 -7.53 -14.29 4.89
N PRO A 381 -7.85 -14.48 6.17
CA PRO A 381 -8.41 -13.37 6.95
C PRO A 381 -7.54 -12.12 6.85
N ASP A 382 -8.19 -10.96 6.68
CA ASP A 382 -7.47 -9.72 6.43
C ASP A 382 -6.92 -9.13 7.74
N LEU A 383 -6.02 -8.16 7.59
CA LEU A 383 -5.27 -7.66 8.75
C LEU A 383 -6.16 -6.95 9.75
N ALA A 384 -7.10 -6.13 9.29
CA ALA A 384 -7.95 -5.41 10.23
C ALA A 384 -8.74 -6.39 11.08
N ALA A 385 -9.20 -7.48 10.48
CA ALA A 385 -9.94 -8.50 11.21
C ALA A 385 -9.05 -9.21 12.23
N ARG A 386 -7.79 -9.47 11.86
CA ARG A 386 -6.87 -10.05 12.83
C ARG A 386 -6.58 -9.11 13.97
N LEU A 387 -6.52 -7.80 13.67
CA LEU A 387 -6.21 -6.83 14.71
C LEU A 387 -7.34 -6.76 15.73
N VAL A 388 -8.57 -6.67 15.23
CA VAL A 388 -9.73 -6.63 16.13
C VAL A 388 -9.82 -7.92 16.93
N GLN A 389 -9.54 -9.07 16.30
CA GLN A 389 -9.57 -10.33 17.02
C GLN A 389 -8.47 -10.39 18.07
N PHE A 390 -7.30 -9.81 17.77
CA PHE A 390 -6.20 -9.80 18.75
C PHE A 390 -6.63 -9.08 20.02
N TYR A 391 -7.32 -7.94 19.87
CA TYR A 391 -7.82 -7.24 21.03
C TYR A 391 -8.85 -8.08 21.79
N ALA A 392 -9.77 -8.71 21.08
CA ALA A 392 -10.78 -9.56 21.73
C ALA A 392 -10.13 -10.66 22.56
N ASP A 393 -9.17 -11.38 21.98
CA ASP A 393 -8.53 -12.46 22.72
C ASP A 393 -7.67 -11.92 23.86
N TRP A 394 -6.99 -10.81 23.63
CA TRP A 394 -6.21 -10.20 24.69
C TRP A 394 -7.08 -9.79 25.86
N LEU A 395 -8.23 -9.20 25.56
CA LEU A 395 -9.15 -8.74 26.57
C LEU A 395 -9.65 -9.90 27.41
N LEU A 396 -10.07 -10.98 26.73
CA LEU A 396 -10.55 -12.13 27.47
C LEU A 396 -9.46 -12.75 28.32
N GLU A 397 -8.23 -12.80 27.80
CA GLU A 397 -7.12 -13.34 28.58
C GLU A 397 -6.80 -12.44 29.77
N HIS A 398 -6.88 -11.11 29.59
CA HIS A 398 -6.58 -10.19 30.67
C HIS A 398 -7.44 -10.45 31.89
N HIS A 399 -8.69 -10.86 31.69
CA HIS A 399 -9.60 -11.17 32.78
C HIS A 399 -9.73 -12.66 33.04
N HIS A 400 -8.82 -13.46 32.49
CA HIS A 400 -8.75 -14.89 32.76
C HIS A 400 -10.05 -15.59 32.40
N HIS A 401 -10.62 -15.23 31.26
CA HIS A 401 -11.86 -15.82 30.80
C HIS A 401 -11.59 -16.81 29.68
N HIS A 402 -12.53 -17.73 29.47
CA HIS A 402 -12.40 -18.64 28.34
C HIS A 402 -12.59 -17.88 27.03
N HIS A 403 -12.25 -18.53 25.93
CA HIS A 403 -12.37 -17.94 24.61
C HIS A 403 -13.40 -18.70 23.77
O1 MES B . -5.02 -5.08 -25.83
C2 MES B . -4.57 -6.43 -25.92
C3 MES B . -4.18 -7.05 -24.58
N4 MES B . -3.37 -6.07 -23.87
C5 MES B . -3.85 -4.72 -23.74
C6 MES B . -4.10 -4.23 -25.16
C7 MES B . -2.18 -6.48 -23.12
C8 MES B . -2.51 -7.67 -22.21
S MES B . -1.08 -8.25 -21.59
O1S MES B . -0.20 -8.72 -22.70
O2S MES B . -1.40 -9.35 -20.68
O3S MES B . -0.38 -7.12 -20.93
#